data_6K05
#
_entry.id   6K05
#
_cell.length_a   115.133
_cell.length_b   55.735
_cell.length_c   67.434
_cell.angle_alpha   90.00
_cell.angle_beta   94.33
_cell.angle_gamma   90.00
#
_symmetry.space_group_name_H-M   'C 1 2 1'
#
loop_
_entity.id
_entity.type
_entity.pdbx_description
1 polymer 'Bromodomain-containing protein 2'
2 non-polymer (6~{R})-~{N}-(4-chlorophenyl)-1-methyl-8-(1-methylpyrazol-4-yl)-5,6-dihydro-4~{H}-[1,2,4]triazolo[4,3-a][1]benzazepin-6-amine
3 non-polymer '2-(N-MORPHOLINO)-ETHANESULFONIC ACID'
4 water water
#
_entity_poly.entity_id   1
_entity_poly.type   'polypeptide(L)'
_entity_poly.pdbx_seq_one_letter_code
;GRVTNQLQYLHKVVMKALWKHQFAWPFRQPVDAVKLGLPDYHKIIKQPMDMGTIKRRLENNYYWAASECMQDFNTMFTNC
YIYNKPTDDIVLMAQTLEKIFLQKVASMPQEEQELVVTIPKN
;
_entity_poly.pdbx_strand_id   A,B,C
#
# COMPACT_ATOMS: atom_id res chain seq x y z
N THR A 4 -2.72 1.28 15.61
CA THR A 4 -3.09 2.57 15.02
C THR A 4 -3.94 2.42 13.76
N ASN A 5 -4.49 3.54 13.30
CA ASN A 5 -5.29 3.53 12.08
C ASN A 5 -4.47 3.08 10.88
N GLN A 6 -3.23 3.57 10.77
CA GLN A 6 -2.36 3.22 9.66
C GLN A 6 -2.02 1.72 9.69
N LEU A 7 -1.70 1.21 10.87
CA LEU A 7 -1.31 -0.20 10.98
C LEU A 7 -2.46 -1.13 10.62
N GLN A 8 -3.69 -0.75 10.99
CA GLN A 8 -4.84 -1.52 10.54
C GLN A 8 -4.91 -1.53 9.02
N TYR A 9 -4.70 -0.37 8.41
CA TYR A 9 -4.71 -0.29 6.96
C TYR A 9 -3.63 -1.18 6.35
N LEU A 10 -2.39 -1.07 6.83
CA LEU A 10 -1.34 -1.95 6.34
C LEU A 10 -1.73 -3.42 6.49
N HIS A 11 -2.42 -3.76 7.58
CA HIS A 11 -2.80 -5.15 7.81
C HIS A 11 -3.94 -5.57 6.88
N LYS A 12 -5.03 -4.81 6.86
CA LYS A 12 -6.24 -5.26 6.17
C LYS A 12 -6.22 -4.99 4.67
N VAL A 13 -5.46 -4.00 4.20
CA VAL A 13 -5.45 -3.60 2.80
C VAL A 13 -4.16 -4.03 2.11
N VAL A 14 -3.01 -3.68 2.68
CA VAL A 14 -1.74 -3.92 2.00
C VAL A 14 -1.33 -5.39 2.12
N MET A 15 -1.21 -5.90 3.35
CA MET A 15 -0.79 -7.29 3.53
C MET A 15 -1.80 -8.25 2.93
N LYS A 16 -3.09 -7.97 3.12
CA LYS A 16 -4.11 -8.81 2.50
C LYS A 16 -3.89 -8.90 0.99
N ALA A 17 -3.67 -7.74 0.35
CA ALA A 17 -3.47 -7.73 -1.09
C ALA A 17 -2.20 -8.50 -1.50
N LEU A 18 -1.08 -8.29 -0.79
CA LEU A 18 0.16 -8.92 -1.25
C LEU A 18 0.19 -10.40 -0.89
N TRP A 19 -0.32 -10.78 0.29
CA TRP A 19 -0.20 -12.16 0.75
C TRP A 19 -0.87 -13.14 -0.21
N LYS A 20 -2.01 -12.75 -0.78
CA LYS A 20 -2.75 -13.65 -1.64
C LYS A 20 -2.35 -13.56 -3.10
N HIS A 21 -1.44 -12.65 -3.44
CA HIS A 21 -1.04 -12.45 -4.83
C HIS A 21 -0.41 -13.71 -5.39
N GLN A 22 -0.56 -13.93 -6.70
CA GLN A 22 0.01 -15.11 -7.33
C GLN A 22 1.54 -15.11 -7.34
N PHE A 23 2.17 -13.94 -7.22
CA PHE A 23 3.63 -13.86 -7.17
C PHE A 23 4.17 -13.86 -5.74
N ALA A 24 3.32 -14.04 -4.73
CA ALA A 24 3.79 -13.86 -3.36
C ALA A 24 4.54 -15.07 -2.82
N TRP A 25 4.33 -16.26 -3.39
CA TRP A 25 4.80 -17.47 -2.71
C TRP A 25 6.29 -17.45 -2.37
N PRO A 26 7.20 -16.91 -3.19
CA PRO A 26 8.62 -16.91 -2.77
C PRO A 26 8.90 -16.02 -1.58
N PHE A 27 7.98 -15.14 -1.21
CA PHE A 27 8.17 -14.15 -0.17
C PHE A 27 7.40 -14.47 1.11
N ARG A 28 6.63 -15.56 1.13
CA ARG A 28 5.78 -15.85 2.29
C ARG A 28 6.56 -16.45 3.46
N GLN A 29 7.76 -16.97 3.23
CA GLN A 29 8.62 -17.48 4.28
C GLN A 29 10.01 -16.89 4.11
N PRO A 30 10.83 -16.89 5.17
CA PRO A 30 12.22 -16.46 5.00
C PRO A 30 12.89 -17.26 3.88
N VAL A 31 13.79 -16.60 3.16
CA VAL A 31 14.64 -17.28 2.20
C VAL A 31 15.38 -18.41 2.91
N ASP A 32 15.29 -19.61 2.36
CA ASP A 32 15.94 -20.79 2.92
C ASP A 32 17.16 -21.11 2.06
N ALA A 33 18.33 -20.65 2.50
CA ALA A 33 19.53 -20.76 1.67
C ALA A 33 19.98 -22.21 1.51
N VAL A 34 19.66 -23.08 2.47
CA VAL A 34 19.95 -24.50 2.31
C VAL A 34 19.04 -25.10 1.24
N LYS A 35 17.73 -24.95 1.44
CA LYS A 35 16.77 -25.45 0.46
C LYS A 35 17.08 -24.95 -0.94
N LEU A 36 17.47 -23.69 -1.07
CA LEU A 36 17.70 -23.12 -2.40
C LEU A 36 19.12 -23.30 -2.91
N GLY A 37 20.03 -23.81 -2.09
CA GLY A 37 21.42 -23.96 -2.50
C GLY A 37 22.13 -22.64 -2.74
N LEU A 38 22.02 -21.71 -1.80
CA LEU A 38 22.50 -20.34 -1.95
C LEU A 38 23.47 -19.99 -0.83
N PRO A 39 24.65 -20.61 -0.80
CA PRO A 39 25.56 -20.42 0.35
C PRO A 39 26.09 -19.00 0.52
N ASP A 40 25.94 -18.14 -0.47
CA ASP A 40 26.33 -16.74 -0.33
C ASP A 40 25.18 -15.84 0.09
N TYR A 41 23.95 -16.37 0.21
CA TYR A 41 22.81 -15.47 0.45
C TYR A 41 23.01 -14.61 1.70
N HIS A 42 23.37 -15.24 2.82
CA HIS A 42 23.46 -14.49 4.08
C HIS A 42 24.77 -13.70 4.20
N LYS A 43 25.71 -13.94 3.30
CA LYS A 43 26.89 -13.12 3.24
C LYS A 43 26.61 -11.81 2.52
N ILE A 44 25.60 -11.78 1.66
CA ILE A 44 25.25 -10.58 0.91
C ILE A 44 24.09 -9.83 1.57
N ILE A 45 23.09 -10.56 2.03
CA ILE A 45 21.89 -9.99 2.63
C ILE A 45 22.01 -10.11 4.14
N LYS A 46 22.21 -8.99 4.81
CA LYS A 46 22.45 -8.96 6.25
C LYS A 46 21.18 -8.80 7.07
N GLN A 47 20.07 -8.34 6.47
CA GLN A 47 18.78 -8.18 7.14
C GLN A 47 17.70 -8.87 6.35
N PRO A 48 17.59 -10.20 6.44
CA PRO A 48 16.51 -10.90 5.74
C PRO A 48 15.16 -10.41 6.23
N MET A 49 14.17 -10.47 5.35
CA MET A 49 12.81 -10.06 5.69
C MET A 49 11.88 -10.75 4.72
N ASP A 50 10.65 -11.00 5.18
CA ASP A 50 9.68 -11.76 4.39
C ASP A 50 8.28 -11.43 4.87
N MET A 51 7.29 -11.81 4.05
CA MET A 51 5.92 -11.44 4.35
C MET A 51 5.39 -12.19 5.56
N GLY A 52 5.84 -13.43 5.76
CA GLY A 52 5.39 -14.16 6.94
C GLY A 52 5.75 -13.43 8.21
N THR A 53 7.00 -12.99 8.31
CA THR A 53 7.45 -12.21 9.45
C THR A 53 6.65 -10.92 9.62
N ILE A 54 6.48 -10.15 8.54
CA ILE A 54 5.71 -8.92 8.64
C ILE A 54 4.28 -9.23 9.07
N LYS A 55 3.66 -10.24 8.47
CA LYS A 55 2.30 -10.60 8.84
C LYS A 55 2.20 -10.95 10.31
N ARG A 56 3.17 -11.73 10.81
CA ARG A 56 3.17 -12.09 12.22
C ARG A 56 3.35 -10.87 13.10
N ARG A 57 4.24 -9.95 12.70
CA ARG A 57 4.42 -8.72 13.47
C ARG A 57 3.14 -7.87 13.50
N LEU A 58 2.44 -7.78 12.37
CA LEU A 58 1.14 -7.08 12.38
C LEU A 58 0.16 -7.77 13.33
N GLU A 59 0.04 -9.09 13.22
CA GLU A 59 -0.91 -9.81 14.06
C GLU A 59 -0.60 -9.64 15.55
N ASN A 60 0.68 -9.59 15.92
CA ASN A 60 1.10 -9.54 17.32
C ASN A 60 1.35 -8.13 17.82
N ASN A 61 0.92 -7.10 17.08
CA ASN A 61 1.07 -5.70 17.49
C ASN A 61 2.54 -5.37 17.80
N TYR A 62 3.45 -5.87 16.96
CA TYR A 62 4.89 -5.64 17.15
C TYR A 62 5.28 -4.20 16.81
N TYR A 63 4.64 -3.62 15.80
CA TYR A 63 5.07 -2.32 15.31
C TYR A 63 4.54 -1.18 16.17
N TRP A 64 5.35 -0.14 16.32
CA TRP A 64 4.93 1.10 16.97
C TRP A 64 4.47 2.17 16.00
N ALA A 65 4.95 2.16 14.76
CA ALA A 65 4.55 3.13 13.76
C ALA A 65 4.44 2.45 12.40
N ALA A 66 3.59 3.02 11.54
CA ALA A 66 3.37 2.43 10.22
C ALA A 66 4.65 2.44 9.38
N SER A 67 5.43 3.50 9.48
CA SER A 67 6.70 3.55 8.78
C SER A 67 7.60 2.38 9.13
N GLU A 68 7.52 1.86 10.36
CA GLU A 68 8.32 0.69 10.71
C GLU A 68 7.91 -0.52 9.86
N CYS A 69 6.61 -0.74 9.74
CA CYS A 69 6.12 -1.83 8.90
C CYS A 69 6.49 -1.62 7.44
N MET A 70 6.39 -0.37 6.97
CA MET A 70 6.74 -0.05 5.58
C MET A 70 8.21 -0.29 5.31
N GLN A 71 9.07 -0.01 6.29
CA GLN A 71 10.49 -0.30 6.12
C GLN A 71 10.75 -1.79 5.95
N ASP A 72 10.00 -2.65 6.67
CA ASP A 72 10.18 -4.09 6.51
C ASP A 72 9.78 -4.55 5.10
N PHE A 73 8.62 -4.10 4.61
CA PHE A 73 8.28 -4.37 3.21
C PHE A 73 9.41 -3.93 2.30
N ASN A 74 9.89 -2.70 2.50
CA ASN A 74 10.95 -2.17 1.64
C ASN A 74 12.20 -3.04 1.69
N THR A 75 12.64 -3.41 2.88
CA THR A 75 13.82 -4.26 3.04
C THR A 75 13.65 -5.58 2.28
N MET A 76 12.46 -6.16 2.38
CA MET A 76 12.21 -7.43 1.70
C MET A 76 12.41 -7.30 0.19
N PHE A 77 11.86 -6.23 -0.40
CA PHE A 77 12.01 -6.06 -1.84
C PHE A 77 13.44 -5.72 -2.19
N THR A 78 14.05 -4.80 -1.43
CA THR A 78 15.43 -4.39 -1.71
C THR A 78 16.39 -5.57 -1.63
N ASN A 79 16.22 -6.45 -0.64
CA ASN A 79 17.08 -7.64 -0.58
C ASN A 79 17.02 -8.42 -1.88
N CYS A 80 15.82 -8.52 -2.45
CA CYS A 80 15.66 -9.28 -3.67
C CYS A 80 16.40 -8.62 -4.83
N TYR A 81 16.30 -7.29 -4.94
CA TYR A 81 16.95 -6.60 -6.05
C TYR A 81 18.46 -6.67 -5.93
N ILE A 82 18.97 -6.68 -4.70
CA ILE A 82 20.41 -6.64 -4.47
C ILE A 82 21.02 -8.00 -4.72
N TYR A 83 20.37 -9.06 -4.24
CA TYR A 83 20.95 -10.39 -4.29
C TYR A 83 20.85 -10.99 -5.68
N ASN A 84 19.71 -10.83 -6.36
CA ASN A 84 19.45 -11.64 -7.53
C ASN A 84 19.99 -10.96 -8.79
N LYS A 85 20.19 -11.76 -9.84
CA LYS A 85 20.63 -11.24 -11.12
C LYS A 85 19.51 -10.43 -11.78
N PRO A 86 19.86 -9.38 -12.52
CA PRO A 86 18.84 -8.53 -13.15
C PRO A 86 17.79 -9.28 -13.94
N THR A 87 18.17 -10.39 -14.58
CA THR A 87 17.30 -11.15 -15.47
C THR A 87 16.51 -12.25 -14.75
N ASP A 88 16.68 -12.39 -13.44
CA ASP A 88 15.95 -13.41 -12.70
C ASP A 88 14.47 -13.06 -12.65
N ASP A 89 13.60 -14.05 -12.89
CA ASP A 89 12.16 -13.77 -12.81
C ASP A 89 11.74 -13.24 -11.45
N ILE A 90 12.44 -13.62 -10.38
CA ILE A 90 12.01 -13.17 -9.05
C ILE A 90 12.09 -11.66 -8.94
N VAL A 91 12.97 -11.02 -9.70
CA VAL A 91 13.03 -9.57 -9.69
C VAL A 91 11.72 -8.98 -10.25
N LEU A 92 11.22 -9.53 -11.36
CA LEU A 92 9.95 -9.07 -11.91
C LEU A 92 8.81 -9.31 -10.93
N MET A 93 8.86 -10.43 -10.21
CA MET A 93 7.81 -10.72 -9.25
C MET A 93 7.83 -9.71 -8.11
N ALA A 94 9.03 -9.44 -7.57
CA ALA A 94 9.18 -8.41 -6.54
C ALA A 94 8.71 -7.04 -7.04
N GLN A 95 9.07 -6.67 -8.26
CA GLN A 95 8.64 -5.37 -8.77
C GLN A 95 7.13 -5.29 -8.86
N THR A 96 6.49 -6.38 -9.29
CA THR A 96 5.03 -6.40 -9.40
C THR A 96 4.39 -6.20 -8.04
N LEU A 97 4.91 -6.88 -7.01
CA LEU A 97 4.34 -6.78 -5.68
C LEU A 97 4.60 -5.40 -5.08
N GLU A 98 5.80 -4.87 -5.31
CA GLU A 98 6.12 -3.57 -4.72
C GLU A 98 5.28 -2.46 -5.33
N LYS A 99 4.93 -2.56 -6.62
CA LYS A 99 4.07 -1.55 -7.21
C LYS A 99 2.72 -1.50 -6.51
N ILE A 100 2.14 -2.67 -6.20
CA ILE A 100 0.91 -2.76 -5.43
C ILE A 100 1.10 -2.16 -4.04
N PHE A 101 2.21 -2.50 -3.38
CA PHE A 101 2.55 -1.91 -2.08
C PHE A 101 2.52 -0.38 -2.14
N LEU A 102 3.24 0.20 -3.11
CA LEU A 102 3.26 1.66 -3.21
C LEU A 102 1.88 2.22 -3.55
N GLN A 103 1.17 1.56 -4.48
CA GLN A 103 -0.19 2.02 -4.83
C GLN A 103 -1.07 2.09 -3.59
N LYS A 104 -1.05 1.04 -2.77
CA LYS A 104 -1.91 1.03 -1.60
C LYS A 104 -1.43 2.02 -0.54
N VAL A 105 -0.11 2.11 -0.36
CA VAL A 105 0.42 3.02 0.64
C VAL A 105 0.06 4.46 0.30
N ALA A 106 -0.12 4.77 -0.99
CA ALA A 106 -0.49 6.13 -1.38
C ALA A 106 -1.82 6.57 -0.77
N SER A 107 -2.67 5.63 -0.35
CA SER A 107 -3.99 5.96 0.18
C SER A 107 -4.12 5.58 1.65
N MET A 108 -3.00 5.34 2.32
CA MET A 108 -3.02 5.05 3.73
C MET A 108 -3.44 6.29 4.53
N PRO A 109 -4.18 6.10 5.60
CA PRO A 109 -4.59 7.20 6.45
C PRO A 109 -3.39 7.97 6.93
N GLN A 110 -3.58 9.23 7.22
CA GLN A 110 -2.49 10.10 7.59
C GLN A 110 -1.89 10.14 8.98
N GLU A 111 -2.48 9.54 9.99
CA GLU A 111 -1.94 9.75 11.33
C GLU A 111 -1.11 8.67 11.95
N THR B 4 -2.46 18.17 -7.21
CA THR B 4 -3.23 17.69 -6.06
C THR B 4 -2.51 18.00 -4.75
N ASN B 5 -3.26 17.90 -3.66
CA ASN B 5 -2.67 18.01 -2.33
C ASN B 5 -1.48 17.07 -2.17
N GLN B 6 -1.65 15.81 -2.58
CA GLN B 6 -0.58 14.82 -2.41
C GLN B 6 0.61 15.14 -3.29
N LEU B 7 0.38 15.51 -4.55
CA LEU B 7 1.50 15.83 -5.43
C LEU B 7 2.28 17.05 -4.93
N GLN B 8 1.59 18.04 -4.35
CA GLN B 8 2.31 19.16 -3.75
C GLN B 8 3.15 18.69 -2.57
N TYR B 9 2.61 17.79 -1.76
CA TYR B 9 3.39 17.22 -0.66
C TYR B 9 4.60 16.46 -1.18
N LEU B 10 4.42 15.65 -2.21
CA LEU B 10 5.57 14.93 -2.77
C LEU B 10 6.60 15.90 -3.32
N HIS B 11 6.15 17.07 -3.79
CA HIS B 11 7.08 18.04 -4.35
C HIS B 11 7.78 18.85 -3.27
N LYS B 12 7.02 19.51 -2.40
CA LYS B 12 7.59 20.50 -1.49
C LYS B 12 8.06 19.91 -0.17
N VAL B 13 7.65 18.69 0.18
CA VAL B 13 8.07 18.04 1.42
C VAL B 13 9.02 16.88 1.15
N VAL B 14 8.58 15.89 0.36
CA VAL B 14 9.39 14.68 0.17
C VAL B 14 10.61 14.98 -0.69
N MET B 15 10.39 15.44 -1.92
CA MET B 15 11.51 15.70 -2.82
C MET B 15 12.47 16.73 -2.24
N LYS B 16 11.94 17.80 -1.62
CA LYS B 16 12.81 18.83 -1.06
C LYS B 16 13.76 18.22 -0.03
N ALA B 17 13.23 17.37 0.85
CA ALA B 17 14.06 16.67 1.83
C ALA B 17 15.10 15.78 1.13
N LEU B 18 14.66 14.98 0.16
CA LEU B 18 15.60 14.09 -0.51
C LEU B 18 16.64 14.85 -1.32
N TRP B 19 16.22 15.91 -2.01
CA TRP B 19 17.11 16.60 -2.95
C TRP B 19 18.36 17.14 -2.25
N LYS B 20 18.20 17.74 -1.08
CA LYS B 20 19.32 18.38 -0.38
C LYS B 20 20.12 17.40 0.45
N HIS B 21 19.73 16.13 0.50
CA HIS B 21 20.46 15.17 1.33
C HIS B 21 21.89 15.00 0.83
N GLN B 22 22.81 14.67 1.74
CA GLN B 22 24.21 14.59 1.35
C GLN B 22 24.51 13.38 0.45
N PHE B 23 23.61 12.39 0.42
CA PHE B 23 23.77 11.22 -0.45
C PHE B 23 23.03 11.38 -1.79
N ALA B 24 22.37 12.52 -2.01
CA ALA B 24 21.48 12.71 -3.14
C ALA B 24 22.21 13.02 -4.45
N TRP B 25 23.43 13.54 -4.41
CA TRP B 25 24.02 14.08 -5.65
C TRP B 25 24.04 13.10 -6.80
N PRO B 26 24.24 11.79 -6.61
CA PRO B 26 24.25 10.89 -7.78
C PRO B 26 22.88 10.75 -8.42
N PHE B 27 21.82 11.15 -7.73
CA PHE B 27 20.45 10.87 -8.14
C PHE B 27 19.73 12.08 -8.72
N ARG B 28 20.38 13.25 -8.74
CA ARG B 28 19.76 14.51 -9.14
C ARG B 28 19.63 14.67 -10.65
N GLN B 29 20.29 13.83 -11.43
CA GLN B 29 20.25 13.91 -12.88
C GLN B 29 20.35 12.49 -13.42
N PRO B 30 19.99 12.28 -14.68
CA PRO B 30 20.09 10.92 -15.26
C PRO B 30 21.50 10.36 -15.15
N VAL B 31 21.58 9.04 -15.01
CA VAL B 31 22.86 8.35 -15.15
C VAL B 31 23.41 8.61 -16.53
N ASP B 32 24.65 9.10 -16.59
CA ASP B 32 25.33 9.37 -17.85
C ASP B 32 26.32 8.24 -18.08
N ALA B 33 25.86 7.20 -18.81
CA ALA B 33 26.66 5.99 -18.98
C ALA B 33 27.91 6.24 -19.80
N VAL B 34 27.84 7.17 -20.75
CA VAL B 34 29.02 7.54 -21.51
C VAL B 34 30.06 8.19 -20.61
N LYS B 35 29.67 9.23 -19.88
CA LYS B 35 30.64 9.91 -19.03
C LYS B 35 31.22 8.98 -17.98
N LEU B 36 30.45 7.98 -17.56
CA LEU B 36 30.90 7.05 -16.54
C LEU B 36 31.59 5.81 -17.11
N GLY B 37 31.60 5.64 -18.43
CA GLY B 37 32.18 4.45 -19.01
C GLY B 37 31.47 3.18 -18.60
N LEU B 38 30.13 3.20 -18.60
CA LEU B 38 29.32 2.03 -18.25
C LEU B 38 28.51 1.62 -19.48
N PRO B 39 29.13 0.90 -20.42
CA PRO B 39 28.42 0.56 -21.66
C PRO B 39 27.34 -0.49 -21.46
N ASP B 40 27.30 -1.17 -20.32
CA ASP B 40 26.22 -2.09 -20.05
C ASP B 40 25.05 -1.47 -19.31
N TYR B 41 25.14 -0.21 -18.88
CA TYR B 41 24.09 0.34 -18.03
C TYR B 41 22.73 0.24 -18.70
N HIS B 42 22.62 0.74 -19.93
CA HIS B 42 21.31 0.76 -20.57
C HIS B 42 20.92 -0.58 -21.16
N LYS B 43 21.83 -1.55 -21.19
CA LYS B 43 21.43 -2.90 -21.53
C LYS B 43 20.76 -3.60 -20.35
N ILE B 44 21.06 -3.17 -19.13
CA ILE B 44 20.51 -3.76 -17.92
C ILE B 44 19.33 -2.97 -17.38
N ILE B 45 19.41 -1.65 -17.44
CA ILE B 45 18.39 -0.76 -16.91
C ILE B 45 17.60 -0.22 -18.10
N LYS B 46 16.37 -0.71 -18.27
CA LYS B 46 15.55 -0.33 -19.42
C LYS B 46 14.61 0.84 -19.13
N GLN B 47 14.40 1.20 -17.86
CA GLN B 47 13.62 2.39 -17.48
C GLN B 47 14.45 3.27 -16.57
N PRO B 48 15.35 4.07 -17.12
CA PRO B 48 16.12 4.99 -16.28
C PRO B 48 15.19 6.00 -15.60
N MET B 49 15.53 6.35 -14.36
CA MET B 49 14.78 7.36 -13.64
C MET B 49 15.71 8.07 -12.67
N ASP B 50 15.40 9.32 -12.37
CA ASP B 50 16.25 10.16 -11.52
C ASP B 50 15.39 11.28 -10.94
N MET B 51 15.91 11.91 -9.89
CA MET B 51 15.10 12.92 -9.20
C MET B 51 14.92 14.20 -10.04
N GLY B 52 15.89 14.55 -10.89
CA GLY B 52 15.70 15.69 -11.76
C GLY B 52 14.50 15.50 -12.68
N THR B 53 14.36 14.30 -13.24
CA THR B 53 13.20 13.97 -14.08
C THR B 53 11.91 14.03 -13.27
N ILE B 54 11.87 13.38 -12.10
CA ILE B 54 10.68 13.41 -11.26
C ILE B 54 10.31 14.84 -10.91
N LYS B 55 11.31 15.65 -10.59
CA LYS B 55 11.05 17.03 -10.18
C LYS B 55 10.46 17.82 -11.34
N ARG B 56 11.03 17.68 -12.54
CA ARG B 56 10.45 18.33 -13.70
C ARG B 56 9.02 17.88 -13.92
N ARG B 57 8.75 16.59 -13.74
CA ARG B 57 7.40 16.07 -13.94
C ARG B 57 6.43 16.67 -12.93
N LEU B 58 6.86 16.83 -11.68
CA LEU B 58 6.02 17.48 -10.69
C LEU B 58 5.73 18.93 -11.08
N GLU B 59 6.73 19.63 -11.63
CA GLU B 59 6.57 21.04 -11.94
C GLU B 59 5.71 21.26 -13.19
N ASN B 60 5.73 20.34 -14.15
CA ASN B 60 4.95 20.47 -15.37
C ASN B 60 3.61 19.72 -15.30
N ASN B 61 3.18 19.31 -14.11
CA ASN B 61 1.90 18.63 -13.94
C ASN B 61 1.79 17.37 -14.82
N TYR B 62 2.89 16.62 -14.92
CA TYR B 62 2.82 15.38 -15.70
C TYR B 62 2.01 14.32 -14.97
N TYR B 63 2.06 14.29 -13.63
CA TYR B 63 1.43 13.24 -12.86
C TYR B 63 -0.07 13.47 -12.71
N TRP B 64 -0.83 12.38 -12.80
CA TRP B 64 -2.26 12.40 -12.53
C TRP B 64 -2.59 11.99 -11.10
N ALA B 65 -1.74 11.18 -10.47
CA ALA B 65 -1.96 10.69 -9.11
C ALA B 65 -0.63 10.61 -8.36
N ALA B 66 -0.71 10.74 -7.04
CA ALA B 66 0.49 10.61 -6.21
C ALA B 66 1.20 9.28 -6.45
N SER B 67 0.44 8.19 -6.58
CA SER B 67 1.07 6.87 -6.73
C SER B 67 1.98 6.81 -7.95
N GLU B 68 1.60 7.51 -9.04
CA GLU B 68 2.44 7.54 -10.23
C GLU B 68 3.81 8.15 -9.94
N CYS B 69 3.83 9.24 -9.18
CA CYS B 69 5.09 9.84 -8.79
C CYS B 69 5.88 8.92 -7.86
N MET B 70 5.21 8.30 -6.88
CA MET B 70 5.89 7.35 -6.00
C MET B 70 6.47 6.16 -6.77
N GLN B 71 5.80 5.73 -7.84
CA GLN B 71 6.33 4.66 -8.68
C GLN B 71 7.65 5.06 -9.32
N ASP B 72 7.78 6.34 -9.74
CA ASP B 72 9.03 6.81 -10.33
C ASP B 72 10.16 6.82 -9.31
N PHE B 73 9.90 7.35 -8.10
CA PHE B 73 10.89 7.23 -7.03
C PHE B 73 11.36 5.78 -6.88
N ASN B 74 10.40 4.85 -6.83
CA ASN B 74 10.74 3.44 -6.63
C ASN B 74 11.61 2.93 -7.75
N THR B 75 11.24 3.24 -9.00
CA THR B 75 12.06 2.80 -10.14
C THR B 75 13.49 3.30 -10.01
N MET B 76 13.66 4.56 -9.61
CA MET B 76 15.01 5.10 -9.48
C MET B 76 15.81 4.29 -8.48
N PHE B 77 15.21 3.99 -7.32
CA PHE B 77 15.93 3.21 -6.31
C PHE B 77 16.17 1.79 -6.78
N THR B 78 15.15 1.12 -7.34
CA THR B 78 15.41 -0.27 -7.67
C THR B 78 16.38 -0.40 -8.83
N ASN B 79 16.38 0.55 -9.78
CA ASN B 79 17.43 0.55 -10.81
C ASN B 79 18.81 0.50 -10.17
N CYS B 80 19.01 1.31 -9.13
CA CYS B 80 20.31 1.36 -8.46
C CYS B 80 20.67 0.00 -7.88
N TYR B 81 19.73 -0.64 -7.18
CA TYR B 81 20.01 -1.95 -6.56
C TYR B 81 20.26 -3.01 -7.62
N ILE B 82 19.54 -2.96 -8.75
CA ILE B 82 19.68 -3.99 -9.76
C ILE B 82 21.04 -3.90 -10.43
N TYR B 83 21.49 -2.70 -10.78
CA TYR B 83 22.67 -2.54 -11.61
C TYR B 83 23.97 -2.69 -10.83
N ASN B 84 24.05 -2.12 -9.63
CA ASN B 84 25.32 -2.01 -8.94
C ASN B 84 25.61 -3.27 -8.10
N LYS B 85 26.88 -3.42 -7.74
CA LYS B 85 27.28 -4.52 -6.86
C LYS B 85 26.75 -4.27 -5.45
N PRO B 86 26.37 -5.33 -4.73
CA PRO B 86 25.86 -5.17 -3.35
C PRO B 86 26.76 -4.33 -2.48
N THR B 87 28.07 -4.42 -2.67
CA THR B 87 29.05 -3.75 -1.83
C THR B 87 29.32 -2.30 -2.24
N ASP B 88 28.78 -1.84 -3.36
CA ASP B 88 29.00 -0.46 -3.82
C ASP B 88 28.37 0.53 -2.85
N ASP B 89 29.10 1.63 -2.58
CA ASP B 89 28.58 2.71 -1.71
C ASP B 89 27.24 3.26 -2.21
N ILE B 90 27.06 3.31 -3.53
CA ILE B 90 25.82 3.89 -4.09
C ILE B 90 24.59 3.12 -3.61
N VAL B 91 24.73 1.82 -3.36
CA VAL B 91 23.62 1.03 -2.82
C VAL B 91 23.23 1.50 -1.42
N LEU B 92 24.23 1.71 -0.56
CA LEU B 92 23.98 2.23 0.77
C LEU B 92 23.35 3.63 0.70
N MET B 93 23.78 4.44 -0.26
CA MET B 93 23.23 5.78 -0.42
C MET B 93 21.76 5.72 -0.84
N ALA B 94 21.43 4.86 -1.81
CA ALA B 94 20.04 4.67 -2.23
C ALA B 94 19.15 4.19 -1.08
N GLN B 95 19.63 3.19 -0.33
CA GLN B 95 18.87 2.67 0.82
C GLN B 95 18.54 3.77 1.82
N THR B 96 19.54 4.60 2.15
CA THR B 96 19.32 5.70 3.09
C THR B 96 18.25 6.66 2.57
N LEU B 97 18.36 7.03 1.30
CA LEU B 97 17.38 7.96 0.73
C LEU B 97 16.01 7.33 0.65
N GLU B 98 15.96 6.05 0.26
CA GLU B 98 14.68 5.36 0.14
C GLU B 98 13.95 5.30 1.48
N LYS B 99 14.69 5.12 2.58
CA LYS B 99 14.04 5.07 3.89
C LYS B 99 13.40 6.42 4.25
N ILE B 100 14.08 7.52 3.92
CA ILE B 100 13.49 8.84 4.11
C ILE B 100 12.24 8.99 3.26
N PHE B 101 12.31 8.55 2.00
CA PHE B 101 11.14 8.59 1.11
C PHE B 101 9.94 7.92 1.77
N LEU B 102 10.11 6.70 2.27
CA LEU B 102 8.98 5.99 2.86
C LEU B 102 8.52 6.65 4.15
N GLN B 103 9.47 7.11 4.96
CA GLN B 103 9.13 7.84 6.19
C GLN B 103 8.25 9.05 5.88
N LYS B 104 8.64 9.86 4.90
CA LYS B 104 7.85 11.03 4.55
C LYS B 104 6.54 10.65 3.87
N VAL B 105 6.54 9.58 3.07
CA VAL B 105 5.30 9.15 2.42
C VAL B 105 4.28 8.70 3.45
N ALA B 106 4.74 8.19 4.60
CA ALA B 106 3.81 7.72 5.62
C ALA B 106 2.96 8.86 6.16
N SER B 107 3.44 10.09 6.08
CA SER B 107 2.73 11.26 6.58
C SER B 107 2.05 12.06 5.48
N MET B 108 2.01 11.53 4.26
CA MET B 108 1.40 12.26 3.16
C MET B 108 -0.08 12.50 3.45
N PRO B 109 -0.55 13.73 3.32
CA PRO B 109 -1.98 14.00 3.57
C PRO B 109 -2.86 13.19 2.63
N GLN B 110 -3.99 12.76 3.15
CA GLN B 110 -4.86 11.85 2.43
C GLN B 110 -6.26 12.43 2.29
N THR C 4 -37.22 -7.33 -7.04
CA THR C 4 -36.00 -8.06 -7.35
C THR C 4 -35.14 -7.28 -8.35
N ASN C 5 -35.78 -6.48 -9.20
CA ASN C 5 -34.99 -5.56 -10.03
C ASN C 5 -34.30 -4.51 -9.17
N GLN C 6 -34.94 -4.08 -8.08
CA GLN C 6 -34.27 -3.19 -7.15
C GLN C 6 -33.11 -3.88 -6.45
N LEU C 7 -33.30 -5.14 -6.03
CA LEU C 7 -32.23 -5.86 -5.36
C LEU C 7 -31.06 -6.09 -6.31
N GLN C 8 -31.32 -6.35 -7.60
CA GLN C 8 -30.21 -6.51 -8.54
C GLN C 8 -29.48 -5.20 -8.72
N TYR C 9 -30.23 -4.10 -8.77
CA TYR C 9 -29.62 -2.77 -8.77
C TYR C 9 -28.76 -2.56 -7.53
N LEU C 10 -29.30 -2.85 -6.35
CA LEU C 10 -28.52 -2.68 -5.13
C LEU C 10 -27.25 -3.53 -5.15
N HIS C 11 -27.30 -4.67 -5.83
CA HIS C 11 -26.15 -5.57 -5.91
C HIS C 11 -25.14 -5.10 -6.97
N LYS C 12 -25.60 -4.96 -8.21
CA LYS C 12 -24.73 -4.66 -9.34
C LYS C 12 -24.35 -3.19 -9.46
N VAL C 13 -25.10 -2.27 -8.86
CA VAL C 13 -24.77 -0.85 -8.90
C VAL C 13 -24.29 -0.34 -7.55
N VAL C 14 -25.10 -0.51 -6.50
CA VAL C 14 -24.79 0.15 -5.23
C VAL C 14 -23.62 -0.53 -4.55
N MET C 15 -23.71 -1.85 -4.33
CA MET C 15 -22.60 -2.55 -3.69
C MET C 15 -21.35 -2.51 -4.56
N LYS C 16 -21.49 -2.64 -5.87
CA LYS C 16 -20.33 -2.56 -6.76
C LYS C 16 -19.51 -1.31 -6.48
N ALA C 17 -20.19 -0.16 -6.44
CA ALA C 17 -19.50 1.11 -6.18
C ALA C 17 -18.93 1.18 -4.77
N LEU C 18 -19.71 0.74 -3.78
CA LEU C 18 -19.26 0.90 -2.39
C LEU C 18 -18.14 -0.07 -2.07
N TRP C 19 -18.21 -1.30 -2.58
CA TRP C 19 -17.27 -2.34 -2.18
C TRP C 19 -15.84 -1.98 -2.58
N LYS C 20 -15.65 -1.44 -3.78
CA LYS C 20 -14.32 -1.13 -4.28
C LYS C 20 -13.82 0.23 -3.84
N HIS C 21 -14.68 1.05 -3.22
CA HIS C 21 -14.29 2.39 -2.80
C HIS C 21 -13.08 2.34 -1.86
N GLN C 22 -12.22 3.36 -1.96
CA GLN C 22 -11.02 3.39 -1.16
C GLN C 22 -11.32 3.42 0.34
N PHE C 23 -12.49 3.94 0.73
CA PHE C 23 -12.87 4.00 2.13
C PHE C 23 -13.62 2.77 2.62
N ALA C 24 -13.78 1.75 1.77
CA ALA C 24 -14.58 0.58 2.15
C ALA C 24 -13.89 -0.32 3.16
N TRP C 25 -12.57 -0.25 3.30
CA TRP C 25 -11.85 -1.36 3.94
C TRP C 25 -12.28 -1.61 5.39
N PRO C 26 -12.55 -0.60 6.22
CA PRO C 26 -12.99 -0.89 7.59
C PRO C 26 -14.35 -1.58 7.65
N PHE C 27 -15.10 -1.60 6.55
CA PHE C 27 -16.47 -2.09 6.54
C PHE C 27 -16.64 -3.39 5.79
N ARG C 28 -15.56 -3.94 5.21
CA ARG C 28 -15.71 -5.12 4.36
C ARG C 28 -15.90 -6.42 5.15
N GLN C 29 -15.72 -6.40 6.47
CA GLN C 29 -15.86 -7.59 7.30
C GLN C 29 -16.42 -7.16 8.65
N PRO C 30 -16.97 -8.09 9.42
CA PRO C 30 -17.50 -7.74 10.75
C PRO C 30 -16.44 -7.12 11.64
N VAL C 31 -16.86 -6.15 12.46
CA VAL C 31 -15.99 -5.62 13.49
C VAL C 31 -15.59 -6.76 14.42
N ASP C 32 -14.29 -7.00 14.56
CA ASP C 32 -13.77 -8.01 15.48
C ASP C 32 -13.29 -7.27 16.73
N ALA C 33 -14.16 -7.24 17.75
CA ALA C 33 -13.87 -6.46 18.95
C ALA C 33 -12.62 -6.95 19.69
N VAL C 34 -12.36 -8.25 19.66
CA VAL C 34 -11.17 -8.78 20.32
C VAL C 34 -9.92 -8.33 19.58
N LYS C 35 -9.84 -8.62 18.28
CA LYS C 35 -8.68 -8.23 17.48
C LYS C 35 -8.37 -6.75 17.58
N LEU C 36 -9.41 -5.91 17.42
CA LEU C 36 -9.21 -4.47 17.47
C LEU C 36 -9.17 -3.93 18.89
N GLY C 37 -9.27 -4.80 19.90
CA GLY C 37 -9.19 -4.39 21.29
C GLY C 37 -10.23 -3.37 21.66
N LEU C 38 -11.51 -3.73 21.50
CA LEU C 38 -12.64 -2.85 21.77
C LEU C 38 -13.60 -3.57 22.69
N PRO C 39 -13.25 -3.73 23.97
CA PRO C 39 -14.08 -4.54 24.88
C PRO C 39 -15.53 -4.08 24.96
N ASP C 40 -15.80 -2.79 24.74
CA ASP C 40 -17.14 -2.26 24.92
C ASP C 40 -17.97 -2.20 23.64
N TYR C 41 -17.41 -2.63 22.50
CA TYR C 41 -18.13 -2.52 21.22
C TYR C 41 -19.51 -3.15 21.27
N HIS C 42 -19.58 -4.43 21.65
CA HIS C 42 -20.86 -5.12 21.66
C HIS C 42 -21.72 -4.79 22.87
N LYS C 43 -21.19 -4.05 23.85
CA LYS C 43 -22.06 -3.48 24.85
C LYS C 43 -22.81 -2.25 24.31
N ILE C 44 -22.16 -1.48 23.44
CA ILE C 44 -22.77 -0.28 22.88
C ILE C 44 -23.59 -0.60 21.62
N ILE C 45 -23.05 -1.41 20.73
CA ILE C 45 -23.66 -1.71 19.44
C ILE C 45 -24.40 -3.05 19.57
N LYS C 46 -25.73 -3.02 19.48
CA LYS C 46 -26.53 -4.23 19.66
C LYS C 46 -26.75 -5.02 18.38
N GLN C 47 -26.55 -4.40 17.21
CA GLN C 47 -26.82 -5.03 15.92
C GLN C 47 -25.65 -4.77 14.99
N PRO C 48 -24.61 -5.58 15.07
CA PRO C 48 -23.48 -5.40 14.15
C PRO C 48 -23.90 -5.61 12.71
N MET C 49 -23.18 -4.95 11.80
CA MET C 49 -23.46 -5.10 10.38
C MET C 49 -22.24 -4.61 9.61
N ASP C 50 -22.05 -5.18 8.41
CA ASP C 50 -20.86 -4.89 7.60
C ASP C 50 -21.20 -5.19 6.15
N MET C 51 -20.39 -4.62 5.23
CA MET C 51 -20.64 -4.83 3.81
C MET C 51 -20.38 -6.27 3.37
N GLY C 52 -19.43 -6.96 4.01
CA GLY C 52 -19.26 -8.37 3.69
C GLY C 52 -20.54 -9.14 3.85
N THR C 53 -21.23 -8.94 4.96
CA THR C 53 -22.50 -9.63 5.20
C THR C 53 -23.55 -9.23 4.19
N ILE C 54 -23.66 -7.93 3.90
CA ILE C 54 -24.66 -7.46 2.94
C ILE C 54 -24.39 -8.05 1.56
N LYS C 55 -23.12 -8.03 1.15
CA LYS C 55 -22.75 -8.56 -0.17
C LYS C 55 -23.11 -10.03 -0.28
N ARG C 56 -22.76 -10.82 0.74
CA ARG C 56 -23.11 -12.24 0.76
C ARG C 56 -24.61 -12.44 0.72
N ARG C 57 -25.36 -11.59 1.42
CA ARG C 57 -26.82 -11.70 1.40
C ARG C 57 -27.38 -11.40 0.02
N LEU C 58 -26.85 -10.39 -0.65
CA LEU C 58 -27.29 -10.11 -2.00
C LEU C 58 -26.96 -11.27 -2.93
N GLU C 59 -25.74 -11.78 -2.85
CA GLU C 59 -25.34 -12.90 -3.71
C GLU C 59 -26.26 -14.10 -3.53
N ASN C 60 -26.72 -14.37 -2.30
CA ASN C 60 -27.49 -15.58 -2.03
C ASN C 60 -28.99 -15.35 -2.00
N ASN C 61 -29.47 -14.19 -2.47
CA ASN C 61 -30.91 -13.94 -2.58
C ASN C 61 -31.58 -13.86 -1.22
N TYR C 62 -30.80 -13.49 -0.22
CA TYR C 62 -31.31 -13.44 1.15
C TYR C 62 -32.47 -12.47 1.29
N TYR C 63 -32.34 -11.25 0.75
CA TYR C 63 -33.31 -10.20 1.03
C TYR C 63 -34.61 -10.44 0.27
N TRP C 64 -35.73 -10.09 0.91
CA TRP C 64 -37.05 -10.08 0.26
C TRP C 64 -37.39 -8.75 -0.41
N ALA C 65 -36.89 -7.64 0.13
CA ALA C 65 -37.21 -6.32 -0.43
C ALA C 65 -35.98 -5.42 -0.34
N ALA C 66 -35.88 -4.49 -1.29
CA ALA C 66 -34.80 -3.52 -1.29
C ALA C 66 -34.64 -2.86 0.07
N SER C 67 -35.77 -2.53 0.72
CA SER C 67 -35.70 -1.81 1.99
C SER C 67 -34.86 -2.55 3.03
N GLU C 68 -34.89 -3.90 3.03
CA GLU C 68 -34.15 -4.63 4.06
C GLU C 68 -32.65 -4.45 3.90
N CYS C 69 -32.18 -4.49 2.65
CA CYS C 69 -30.79 -4.24 2.33
C CYS C 69 -30.40 -2.80 2.66
N MET C 70 -31.27 -1.84 2.32
CA MET C 70 -31.02 -0.45 2.67
C MET C 70 -30.91 -0.27 4.17
N GLN C 71 -31.77 -0.97 4.94
CA GLN C 71 -31.68 -0.85 6.40
C GLN C 71 -30.37 -1.44 6.91
N ASP C 72 -29.89 -2.51 6.28
CA ASP C 72 -28.61 -3.08 6.71
C ASP C 72 -27.48 -2.10 6.46
N PHE C 73 -27.44 -1.51 5.27
CA PHE C 73 -26.48 -0.42 5.03
C PHE C 73 -26.60 0.65 6.10
N ASN C 74 -27.82 1.11 6.37
CA ASN C 74 -28.01 2.19 7.34
C ASN C 74 -27.50 1.78 8.72
N THR C 75 -27.82 0.56 9.17
CA THR C 75 -27.37 0.08 10.48
C THR C 75 -25.85 0.09 10.56
N MET C 76 -25.19 -0.37 9.50
CA MET C 76 -23.73 -0.36 9.46
C MET C 76 -23.19 1.05 9.66
N PHE C 77 -23.69 2.03 8.91
CA PHE C 77 -23.18 3.38 9.10
C PHE C 77 -23.51 3.92 10.48
N THR C 78 -24.74 3.68 10.94
CA THR C 78 -25.16 4.23 12.23
C THR C 78 -24.30 3.69 13.37
N ASN C 79 -24.03 2.37 13.38
CA ASN C 79 -23.14 1.80 14.39
C ASN C 79 -21.84 2.58 14.48
N CYS C 80 -21.25 2.85 13.31
CA CYS C 80 -20.00 3.61 13.26
C CYS C 80 -20.16 4.98 13.90
N TYR C 81 -21.22 5.72 13.53
CA TYR C 81 -21.41 7.05 14.10
C TYR C 81 -21.60 6.99 15.61
N ILE C 82 -22.36 6.00 16.08
CA ILE C 82 -22.66 5.91 17.50
C ILE C 82 -21.44 5.50 18.28
N TYR C 83 -20.68 4.54 17.76
CA TYR C 83 -19.60 3.98 18.58
C TYR C 83 -18.37 4.86 18.58
N ASN C 84 -17.99 5.42 17.43
CA ASN C 84 -16.70 6.04 17.31
C ASN C 84 -16.71 7.51 17.76
N LYS C 85 -15.53 8.02 18.10
CA LYS C 85 -15.41 9.43 18.45
C LYS C 85 -15.67 10.29 17.21
N PRO C 86 -16.23 11.48 17.37
CA PRO C 86 -16.57 12.29 16.19
C PRO C 86 -15.38 12.64 15.33
N THR C 87 -14.18 12.72 15.91
CA THR C 87 -12.99 13.08 15.14
C THR C 87 -12.32 11.88 14.49
N ASP C 88 -12.75 10.64 14.78
CA ASP C 88 -12.15 9.48 14.15
C ASP C 88 -12.27 9.56 12.64
N ASP C 89 -11.17 9.21 11.94
CA ASP C 89 -11.23 9.18 10.48
C ASP C 89 -12.33 8.25 9.99
N ILE C 90 -12.59 7.15 10.70
CA ILE C 90 -13.60 6.21 10.24
C ILE C 90 -14.95 6.91 10.10
N VAL C 91 -15.23 7.89 10.98
CA VAL C 91 -16.51 8.60 10.89
C VAL C 91 -16.61 9.34 9.58
N LEU C 92 -15.56 10.08 9.20
CA LEU C 92 -15.57 10.77 7.92
C LEU C 92 -15.67 9.78 6.77
N MET C 93 -15.05 8.61 6.90
CA MET C 93 -15.14 7.62 5.83
C MET C 93 -16.57 7.12 5.66
N ALA C 94 -17.25 6.81 6.76
CA ALA C 94 -18.63 6.37 6.66
C ALA C 94 -19.52 7.44 6.03
N GLN C 95 -19.31 8.70 6.42
CA GLN C 95 -20.11 9.78 5.83
C GLN C 95 -19.96 9.81 4.32
N THR C 96 -18.73 9.67 3.83
CA THR C 96 -18.49 9.68 2.39
C THR C 96 -19.22 8.52 1.72
N LEU C 97 -19.07 7.32 2.29
CA LEU C 97 -19.72 6.14 1.72
C LEU C 97 -21.24 6.27 1.78
N GLU C 98 -21.76 6.77 2.91
CA GLU C 98 -23.22 6.84 3.05
C GLU C 98 -23.82 7.82 2.04
N LYS C 99 -23.13 8.92 1.76
CA LYS C 99 -23.64 9.85 0.76
C LYS C 99 -23.72 9.21 -0.61
N ILE C 100 -22.70 8.44 -0.99
CA ILE C 100 -22.75 7.68 -2.24
C ILE C 100 -23.93 6.71 -2.23
N PHE C 101 -24.04 5.93 -1.14
CA PHE C 101 -25.16 5.01 -0.97
C PHE C 101 -26.49 5.70 -1.27
N LEU C 102 -26.76 6.82 -0.60
CA LEU C 102 -28.02 7.52 -0.80
C LEU C 102 -28.15 8.06 -2.21
N GLN C 103 -27.06 8.61 -2.77
CA GLN C 103 -27.14 9.08 -4.15
C GLN C 103 -27.61 7.97 -5.08
N LYS C 104 -26.96 6.81 -5.02
CA LYS C 104 -27.37 5.70 -5.88
C LYS C 104 -28.77 5.21 -5.54
N VAL C 105 -29.12 5.16 -4.26
CA VAL C 105 -30.45 4.70 -3.90
C VAL C 105 -31.51 5.59 -4.54
N ALA C 106 -31.23 6.88 -4.72
CA ALA C 106 -32.21 7.79 -5.31
C ALA C 106 -32.57 7.39 -6.74
N SER C 107 -31.64 6.79 -7.48
CA SER C 107 -31.90 6.37 -8.86
C SER C 107 -32.35 4.93 -8.96
N MET C 108 -32.65 4.29 -7.85
CA MET C 108 -33.04 2.89 -7.87
C MET C 108 -34.35 2.74 -8.63
N PRO C 109 -34.60 1.56 -9.22
CA PRO C 109 -35.88 1.37 -9.91
C PRO C 109 -37.04 1.07 -8.95
#